data_4A5X
#
_entry.id   4A5X
#
_cell.length_a   67.070
_cell.length_b   74.160
_cell.length_c   89.785
_cell.angle_alpha   90.00
_cell.angle_beta   90.00
_cell.angle_gamma   90.00
#
_symmetry.space_group_name_H-M   'C 2 2 21'
#
loop_
_entity.id
_entity.type
_entity.pdbx_description
1 polymer 'MIT DOMAIN-CONTAINING PROTEIN 1'
2 polymer 'CHARGED MULTIVESICULAR BODY PROTEIN 1A'
3 non-polymer GLYCEROL
4 non-polymer 2,5,8,11,14,17-HEXAOXANONADECAN-19-OL
5 water water
#
loop_
_entity_poly.entity_id
_entity_poly.type
_entity_poly.pdbx_seq_one_letter_code
_entity_poly.pdbx_strand_id
1 'polypeptide(L)'
;MAHHHHHHMDPQSTAAATVLKRAVELDSESRYPQALVCYQEGIDLLLQVLKGTKDNTKRCNLREKISKYMDRAENIKKYL
DQEKED
;
A,B
2 'polypeptide(L)' SHMEDQLSRRLAALRN C,D
#
# COMPACT_ATOMS: atom_id res chain seq x y z
N PRO A 11 4.42 -4.92 -14.56
CA PRO A 11 3.30 -5.58 -13.86
C PRO A 11 3.46 -5.42 -12.35
N GLN A 12 4.48 -6.07 -11.78
CA GLN A 12 4.87 -5.99 -10.38
C GLN A 12 5.62 -4.66 -10.18
N SER A 13 6.32 -4.20 -11.24
CA SER A 13 7.04 -2.92 -11.25
C SER A 13 6.04 -1.76 -11.40
N THR A 14 4.92 -2.01 -12.09
CA THR A 14 3.85 -1.02 -12.28
C THR A 14 3.16 -0.75 -10.94
N ALA A 15 2.90 -1.81 -10.15
CA ALA A 15 2.27 -1.68 -8.83
C ALA A 15 3.26 -1.06 -7.82
N ALA A 16 4.56 -1.37 -7.95
CA ALA A 16 5.64 -0.80 -7.13
C ALA A 16 5.67 0.71 -7.33
N ALA A 17 5.59 1.16 -8.60
CA ALA A 17 5.58 2.57 -8.99
C ALA A 17 4.36 3.29 -8.40
N THR A 18 3.17 2.66 -8.49
CA THR A 18 1.91 3.20 -7.96
C THR A 18 2.02 3.41 -6.43
N VAL A 19 2.51 2.40 -5.70
CA VAL A 19 2.64 2.39 -4.24
C VAL A 19 3.69 3.40 -3.79
N LEU A 20 4.84 3.46 -4.49
CA LEU A 20 5.93 4.39 -4.19
C LEU A 20 5.55 5.85 -4.45
N LYS A 21 4.68 6.12 -5.45
CA LYS A 21 4.15 7.47 -5.76
C LYS A 21 3.30 7.93 -4.56
N ARG A 22 2.48 7.03 -3.99
CA ARG A 22 1.67 7.31 -2.80
C ARG A 22 2.56 7.53 -1.56
N ALA A 23 3.67 6.76 -1.45
CA ALA A 23 4.62 6.89 -0.35
C ALA A 23 5.22 8.30 -0.33
N VAL A 24 5.67 8.79 -1.51
CA VAL A 24 6.27 10.12 -1.69
C VAL A 24 5.23 11.21 -1.41
N GLU A 25 3.98 11.00 -1.87
CA GLU A 25 2.87 11.95 -1.66
C GLU A 25 2.58 12.09 -0.15
N LEU A 26 2.43 10.96 0.56
CA LEU A 26 2.18 10.92 2.01
C LEU A 26 3.32 11.57 2.77
N ASP A 27 4.56 11.28 2.34
CA ASP A 27 5.80 11.85 2.89
C ASP A 27 5.79 13.39 2.77
N SER A 28 5.44 13.92 1.58
CA SER A 28 5.38 15.36 1.32
C SER A 28 4.29 16.07 2.17
N GLU A 29 3.27 15.30 2.60
CA GLU A 29 2.16 15.74 3.45
C GLU A 29 2.46 15.54 4.95
N SER A 30 3.70 15.06 5.28
CA SER A 30 4.18 14.78 6.64
C SER A 30 3.36 13.68 7.36
N ARG A 31 2.71 12.78 6.59
CA ARG A 31 1.93 11.66 7.13
C ARG A 31 2.93 10.49 7.24
N TYR A 32 3.87 10.61 8.19
CA TYR A 32 4.98 9.69 8.40
C TYR A 32 4.69 8.21 8.63
N PRO A 33 3.78 7.78 9.55
CA PRO A 33 3.53 6.34 9.70
C PRO A 33 2.99 5.73 8.40
N GLN A 34 2.08 6.46 7.71
CA GLN A 34 1.43 6.07 6.45
C GLN A 34 2.44 5.98 5.32
N ALA A 35 3.29 7.04 5.16
CA ALA A 35 4.36 7.07 4.17
C ALA A 35 5.30 5.89 4.36
N LEU A 36 5.69 5.62 5.62
CA LEU A 36 6.61 4.53 5.95
C LEU A 36 6.10 3.17 5.50
N VAL A 37 4.81 2.88 5.73
CA VAL A 37 4.18 1.61 5.30
C VAL A 37 4.21 1.51 3.77
N CYS A 38 3.84 2.60 3.05
CA CYS A 38 3.86 2.58 1.58
C CYS A 38 5.27 2.41 1.02
N TYR A 39 6.27 3.02 1.68
CA TYR A 39 7.69 2.85 1.30
C TYR A 39 8.10 1.39 1.48
N GLN A 40 7.78 0.79 2.63
CA GLN A 40 8.08 -0.64 2.93
C GLN A 40 7.45 -1.53 1.86
N GLU A 41 6.15 -1.29 1.57
CA GLU A 41 5.38 -2.10 0.60
C GLU A 41 5.89 -1.95 -0.82
N GLY A 42 6.26 -0.73 -1.21
CA GLY A 42 6.83 -0.47 -2.53
C GLY A 42 8.22 -1.06 -2.68
N ILE A 43 9.04 -0.97 -1.60
CA ILE A 43 10.39 -1.56 -1.57
C ILE A 43 10.28 -3.10 -1.71
N ASP A 44 9.29 -3.71 -1.02
CA ASP A 44 9.03 -5.16 -1.05
C ASP A 44 8.80 -5.63 -2.51
N LEU A 45 7.95 -4.90 -3.22
CA LEU A 45 7.62 -5.18 -4.60
C LEU A 45 8.84 -5.04 -5.52
N LEU A 46 9.62 -3.99 -5.30
CA LEU A 46 10.84 -3.76 -6.08
C LEU A 46 11.84 -4.91 -5.82
N LEU A 47 11.91 -5.41 -4.56
CA LEU A 47 12.77 -6.53 -4.20
C LEU A 47 12.30 -7.80 -4.88
N GLN A 48 10.96 -7.94 -5.07
CA GLN A 48 10.37 -9.07 -5.78
C GLN A 48 10.73 -9.00 -7.26
N VAL A 49 10.73 -7.79 -7.86
CA VAL A 49 11.13 -7.59 -9.26
C VAL A 49 12.62 -7.95 -9.42
N LEU A 50 13.48 -7.43 -8.50
CA LEU A 50 14.93 -7.69 -8.47
C LEU A 50 15.26 -9.17 -8.40
N LYS A 51 14.56 -9.91 -7.51
CA LYS A 51 14.75 -11.36 -7.32
C LYS A 51 14.47 -12.15 -8.61
N GLY A 52 13.58 -11.62 -9.45
CA GLY A 52 13.19 -12.23 -10.71
C GLY A 52 13.92 -11.71 -11.94
N THR A 53 14.88 -10.75 -11.77
CA THR A 53 15.65 -10.19 -12.89
C THR A 53 17.03 -10.83 -13.03
N LYS A 54 17.39 -11.19 -14.28
CA LYS A 54 18.67 -11.84 -14.59
C LYS A 54 19.74 -10.87 -15.11
N ASP A 55 19.33 -9.85 -15.90
CA ASP A 55 20.24 -8.86 -16.49
C ASP A 55 20.98 -8.02 -15.45
N ASN A 56 22.33 -8.05 -15.49
CA ASN A 56 23.22 -7.36 -14.55
C ASN A 56 23.03 -5.84 -14.44
N THR A 57 22.78 -5.14 -15.57
CA THR A 57 22.56 -3.68 -15.55
C THR A 57 21.24 -3.38 -14.87
N LYS A 58 20.17 -4.08 -15.30
CA LYS A 58 18.82 -3.95 -14.74
C LYS A 58 18.82 -4.23 -13.24
N ARG A 59 19.55 -5.28 -12.81
CA ARG A 59 19.71 -5.68 -11.41
C ARG A 59 20.41 -4.58 -10.62
N CYS A 60 21.51 -4.06 -11.16
CA CYS A 60 22.33 -3.02 -10.56
C CYS A 60 21.56 -1.69 -10.44
N ASN A 61 20.81 -1.33 -11.50
CA ASN A 61 19.97 -0.13 -11.51
C ASN A 61 18.80 -0.22 -10.53
N LEU A 62 18.24 -1.43 -10.36
CA LEU A 62 17.14 -1.70 -9.45
C LEU A 62 17.63 -1.57 -8.01
N ARG A 63 18.88 -2.01 -7.72
CA ARG A 63 19.50 -1.88 -6.39
C ARG A 63 19.62 -0.41 -6.00
N GLU A 64 19.99 0.47 -6.97
CA GLU A 64 20.16 1.91 -6.75
C GLU A 64 18.85 2.58 -6.37
N LYS A 65 17.78 2.23 -7.10
CA LYS A 65 16.41 2.71 -6.87
C LYS A 65 15.95 2.24 -5.49
N ILE A 66 16.08 0.92 -5.19
CA ILE A 66 15.68 0.35 -3.89
C ILE A 66 16.42 1.03 -2.75
N SER A 67 17.78 1.14 -2.86
CA SER A 67 18.64 1.77 -1.85
C SER A 67 18.21 3.21 -1.55
N LYS A 68 17.83 3.98 -2.59
CA LYS A 68 17.35 5.36 -2.44
C LYS A 68 16.05 5.39 -1.62
N TYR A 69 15.08 4.50 -1.93
CA TYR A 69 13.84 4.46 -1.17
C TYR A 69 14.07 3.96 0.27
N MET A 70 14.97 2.98 0.43
CA MET A 70 15.32 2.39 1.73
C MET A 70 15.94 3.46 2.64
N ASP A 71 16.82 4.30 2.07
CA ASP A 71 17.47 5.41 2.77
C ASP A 71 16.40 6.36 3.35
N ARG A 72 15.41 6.76 2.53
CA ARG A 72 14.32 7.65 2.96
C ARG A 72 13.47 7.02 4.08
N ALA A 73 13.08 5.74 3.92
CA ALA A 73 12.27 5.02 4.90
C ALA A 73 13.02 4.80 6.23
N GLU A 74 14.36 4.59 6.15
CA GLU A 74 15.20 4.45 7.35
C GLU A 74 15.27 5.76 8.12
N ASN A 75 15.24 6.91 7.42
CA ASN A 75 15.24 8.24 8.07
C ASN A 75 13.91 8.50 8.76
N ILE A 76 12.79 8.15 8.11
CA ILE A 76 11.43 8.30 8.65
C ILE A 76 11.26 7.45 9.92
N LYS A 77 11.70 6.18 9.85
CA LYS A 77 11.64 5.25 10.98
C LYS A 77 12.44 5.80 12.17
N LYS A 78 13.68 6.30 11.92
CA LYS A 78 14.54 6.89 12.95
C LYS A 78 13.81 8.06 13.62
N TYR A 79 13.12 8.90 12.82
CA TYR A 79 12.36 10.04 13.33
C TYR A 79 11.16 9.57 14.20
N LEU A 80 10.38 8.58 13.70
CA LEU A 80 9.23 8.03 14.43
C LEU A 80 9.65 7.31 15.73
N ASP A 81 10.81 6.62 15.71
CA ASP A 81 11.37 5.91 16.87
C ASP A 81 11.77 6.83 18.02
N GLN A 82 12.19 8.07 17.70
CA GLN A 82 12.58 9.08 18.68
C GLN A 82 11.40 9.53 19.57
N GLU A 83 10.18 9.52 19.01
CA GLU A 83 8.94 9.88 19.70
C GLU A 83 8.53 8.79 20.69
N ASP B 10 -7.35 -1.69 -15.47
CA ASP B 10 -6.44 -2.81 -15.22
C ASP B 10 -5.18 -2.48 -14.39
N PRO B 11 -4.39 -1.40 -14.66
CA PRO B 11 -3.21 -1.13 -13.82
C PRO B 11 -3.57 -0.81 -12.37
N GLN B 12 -4.67 -0.06 -12.15
CA GLN B 12 -5.18 0.27 -10.82
C GLN B 12 -5.72 -1.01 -10.14
N SER B 13 -6.33 -1.93 -10.93
CA SER B 13 -6.87 -3.21 -10.46
C SER B 13 -5.77 -4.12 -9.93
N THR B 14 -4.63 -4.17 -10.65
CA THR B 14 -3.46 -4.98 -10.26
C THR B 14 -2.79 -4.43 -9.00
N ALA B 15 -2.61 -3.10 -8.92
CA ALA B 15 -2.03 -2.46 -7.74
C ALA B 15 -2.98 -2.67 -6.54
N ALA B 16 -4.32 -2.49 -6.74
CA ALA B 16 -5.32 -2.71 -5.68
C ALA B 16 -5.25 -4.13 -5.15
N ALA B 17 -5.18 -5.14 -6.05
CA ALA B 17 -5.10 -6.54 -5.64
C ALA B 17 -3.88 -6.80 -4.75
N THR B 18 -2.69 -6.29 -5.13
CA THR B 18 -1.48 -6.55 -4.35
C THR B 18 -1.50 -5.82 -3.00
N VAL B 19 -1.97 -4.57 -3.00
CA VAL B 19 -2.04 -3.74 -1.78
C VAL B 19 -3.05 -4.38 -0.80
N LEU B 20 -4.22 -4.79 -1.29
CA LEU B 20 -5.21 -5.46 -0.44
C LEU B 20 -4.75 -6.85 0.02
N LYS B 21 -3.96 -7.56 -0.82
CA LYS B 21 -3.39 -8.86 -0.43
C LYS B 21 -2.55 -8.60 0.85
N ARG B 22 -1.68 -7.57 0.80
CA ARG B 22 -0.82 -7.15 1.89
C ARG B 22 -1.59 -6.66 3.11
N ALA B 23 -2.69 -5.89 2.92
CA ALA B 23 -3.55 -5.44 4.01
C ALA B 23 -4.03 -6.62 4.86
N VAL B 24 -4.56 -7.67 4.19
CA VAL B 24 -5.09 -8.87 4.85
C VAL B 24 -3.97 -9.69 5.50
N GLU B 25 -2.80 -9.82 4.82
CA GLU B 25 -1.66 -10.54 5.38
C GLU B 25 -1.21 -9.87 6.70
N LEU B 26 -1.11 -8.53 6.72
CA LEU B 26 -0.74 -7.76 7.91
C LEU B 26 -1.80 -7.90 8.98
N ASP B 27 -3.08 -7.90 8.56
CA ASP B 27 -4.23 -8.08 9.44
C ASP B 27 -4.12 -9.46 10.15
N SER B 28 -3.88 -10.53 9.37
CA SER B 28 -3.72 -11.90 9.90
C SER B 28 -2.53 -12.03 10.87
N GLU B 29 -1.50 -11.16 10.73
CA GLU B 29 -0.31 -11.12 11.57
C GLU B 29 -0.44 -10.13 12.75
N SER B 30 -1.65 -9.58 12.98
CA SER B 30 -1.93 -8.61 14.07
C SER B 30 -1.10 -7.31 13.97
N ARG B 31 -0.78 -6.89 12.73
CA ARG B 31 -0.07 -5.64 12.50
C ARG B 31 -1.15 -4.63 12.04
N TYR B 32 -1.99 -4.21 13.00
CA TYR B 32 -3.15 -3.36 12.73
C TYR B 32 -2.95 -1.98 12.15
N PRO B 33 -2.08 -1.09 12.71
CA PRO B 33 -1.88 0.22 12.06
C PRO B 33 -1.42 0.05 10.60
N GLN B 34 -0.48 -0.88 10.32
CA GLN B 34 0.04 -1.18 8.98
C GLN B 34 -1.02 -1.77 8.05
N ALA B 35 -1.84 -2.73 8.55
CA ALA B 35 -2.94 -3.31 7.77
C ALA B 35 -3.91 -2.16 7.38
N LEU B 36 -4.20 -1.24 8.33
CA LEU B 36 -5.10 -0.11 8.06
C LEU B 36 -4.62 0.79 6.89
N VAL B 37 -3.31 1.11 6.84
CA VAL B 37 -2.74 1.93 5.76
C VAL B 37 -3.00 1.20 4.43
N CYS B 38 -2.68 -0.10 4.39
CA CYS B 38 -2.86 -0.89 3.18
C CYS B 38 -4.33 -1.03 2.77
N TYR B 39 -5.26 -1.18 3.74
CA TYR B 39 -6.69 -1.23 3.43
C TYR B 39 -7.13 0.11 2.79
N GLN B 40 -6.76 1.24 3.43
CA GLN B 40 -7.06 2.59 2.92
C GLN B 40 -6.56 2.77 1.47
N GLU B 41 -5.26 2.42 1.23
CA GLU B 41 -4.66 2.57 -0.09
C GLU B 41 -5.25 1.64 -1.13
N GLY B 42 -5.53 0.39 -0.74
CA GLY B 42 -6.15 -0.60 -1.62
C GLY B 42 -7.56 -0.20 -1.98
N ILE B 43 -8.33 0.31 -0.99
CA ILE B 43 -9.73 0.78 -1.19
C ILE B 43 -9.75 1.97 -2.16
N ASP B 44 -8.79 2.90 -2.01
CA ASP B 44 -8.63 4.06 -2.88
C ASP B 44 -8.47 3.56 -4.32
N LEU B 45 -7.56 2.61 -4.55
CA LEU B 45 -7.31 2.03 -5.87
C LEU B 45 -8.56 1.30 -6.45
N LEU B 46 -9.30 0.58 -5.61
CA LEU B 46 -10.54 -0.08 -6.07
C LEU B 46 -11.59 0.95 -6.46
N LEU B 47 -11.68 2.06 -5.71
CA LEU B 47 -12.63 3.13 -5.99
C LEU B 47 -12.30 3.86 -7.28
N GLN B 48 -11.00 3.93 -7.65
CA GLN B 48 -10.54 4.52 -8.91
C GLN B 48 -11.04 3.62 -10.06
N VAL B 49 -10.94 2.30 -9.88
CA VAL B 49 -11.43 1.30 -10.84
C VAL B 49 -12.95 1.46 -10.97
N LEU B 50 -13.66 1.60 -9.81
CA LEU B 50 -15.12 1.79 -9.81
C LEU B 50 -15.55 3.01 -10.65
N LYS B 51 -14.86 4.17 -10.44
CA LYS B 51 -15.10 5.43 -11.17
C LYS B 51 -14.97 5.27 -12.68
N GLY B 52 -14.04 4.43 -13.13
CA GLY B 52 -13.77 4.18 -14.53
C GLY B 52 -14.48 2.98 -15.14
N THR B 53 -15.39 2.32 -14.37
CA THR B 53 -16.15 1.17 -14.85
C THR B 53 -17.48 1.65 -15.46
N LYS B 54 -17.84 1.09 -16.63
CA LYS B 54 -19.08 1.40 -17.34
C LYS B 54 -20.12 0.29 -17.17
N ASP B 55 -19.70 -0.99 -17.35
CA ASP B 55 -20.56 -2.17 -17.26
C ASP B 55 -21.21 -2.32 -15.88
N ASN B 56 -22.56 -2.41 -15.88
CA ASN B 56 -23.40 -2.55 -14.68
C ASN B 56 -23.11 -3.80 -13.87
N THR B 57 -22.74 -4.92 -14.56
CA THR B 57 -22.37 -6.21 -13.93
C THR B 57 -21.14 -6.00 -13.04
N LYS B 58 -20.13 -5.33 -13.60
CA LYS B 58 -18.87 -5.04 -12.94
C LYS B 58 -19.01 -4.03 -11.79
N ARG B 59 -19.76 -2.92 -12.00
CA ARG B 59 -19.97 -1.86 -11.00
C ARG B 59 -20.61 -2.41 -9.73
N CYS B 60 -21.64 -3.23 -9.91
CA CYS B 60 -22.40 -3.84 -8.85
C CYS B 60 -21.58 -4.76 -7.96
N ASN B 61 -20.85 -5.72 -8.55
CA ASN B 61 -19.98 -6.64 -7.81
C ASN B 61 -18.86 -5.86 -7.10
N LEU B 62 -18.26 -4.88 -7.81
CA LEU B 62 -17.16 -4.06 -7.29
C LEU B 62 -17.54 -3.23 -6.06
N ARG B 63 -18.72 -2.59 -6.06
CA ARG B 63 -19.21 -1.79 -4.92
C ARG B 63 -19.31 -2.69 -3.67
N GLU B 64 -19.88 -3.89 -3.84
CA GLU B 64 -20.06 -4.89 -2.79
C GLU B 64 -18.72 -5.32 -2.20
N LYS B 65 -17.72 -5.56 -3.08
CA LYS B 65 -16.37 -5.96 -2.71
C LYS B 65 -15.70 -4.83 -1.92
N ILE B 66 -15.77 -3.59 -2.46
CA ILE B 66 -15.20 -2.41 -1.78
C ILE B 66 -15.79 -2.27 -0.38
N SER B 67 -17.14 -2.43 -0.23
CA SER B 67 -17.80 -2.28 1.07
CA SER B 67 -17.78 -2.28 1.09
C SER B 67 -17.26 -3.29 2.09
N LYS B 68 -16.99 -4.55 1.66
CA LYS B 68 -16.44 -5.57 2.56
C LYS B 68 -15.05 -5.18 3.08
N TYR B 69 -14.18 -4.63 2.23
CA TYR B 69 -12.87 -4.15 2.69
C TYR B 69 -13.05 -2.94 3.59
N MET B 70 -13.99 -2.02 3.23
CA MET B 70 -14.28 -0.81 4.00
C MET B 70 -14.75 -1.17 5.43
N ASP B 71 -15.67 -2.16 5.56
CA ASP B 71 -16.18 -2.63 6.86
C ASP B 71 -15.02 -3.05 7.76
N ARG B 72 -14.10 -3.86 7.25
CA ARG B 72 -12.93 -4.33 8.02
C ARG B 72 -12.03 -3.16 8.43
N ALA B 73 -11.70 -2.27 7.49
CA ALA B 73 -10.86 -1.09 7.75
C ALA B 73 -11.48 -0.18 8.81
N GLU B 74 -12.80 0.02 8.75
CA GLU B 74 -13.54 0.84 9.73
C GLU B 74 -13.49 0.22 11.13
N ASN B 75 -13.56 -1.12 11.20
CA ASN B 75 -13.51 -1.85 12.47
C ASN B 75 -12.13 -1.76 13.10
N ILE B 76 -11.07 -1.84 12.28
CA ILE B 76 -9.69 -1.70 12.75
C ILE B 76 -9.46 -0.28 13.27
N LYS B 77 -9.86 0.75 12.49
CA LYS B 77 -9.72 2.16 12.85
C LYS B 77 -10.43 2.45 14.18
N LYS B 78 -11.66 1.94 14.39
CA LYS B 78 -12.41 2.15 15.64
C LYS B 78 -11.62 1.57 16.82
N TYR B 79 -11.05 0.37 16.65
CA TYR B 79 -10.24 -0.29 17.68
C TYR B 79 -8.96 0.51 18.00
N LEU B 80 -8.25 0.99 16.97
CA LEU B 80 -7.02 1.77 17.15
C LEU B 80 -7.26 3.16 17.76
N ASP B 81 -8.41 3.79 17.43
CA ASP B 81 -8.78 5.11 17.96
C ASP B 81 -9.20 5.05 19.44
N GLN B 82 -9.81 3.93 19.86
CA GLN B 82 -10.26 3.68 21.23
C GLN B 82 -9.11 3.16 22.10
N MET C 3 23.51 -9.24 -2.11
CA MET C 3 22.96 -7.94 -2.49
C MET C 3 21.47 -7.87 -2.14
N GLU C 4 20.66 -8.85 -2.61
CA GLU C 4 19.22 -8.95 -2.33
C GLU C 4 19.02 -9.22 -0.85
N ASP C 5 19.91 -10.05 -0.25
CA ASP C 5 19.91 -10.41 1.17
C ASP C 5 20.17 -9.20 2.07
N GLN C 6 21.09 -8.31 1.67
CA GLN C 6 21.40 -7.08 2.43
C GLN C 6 20.17 -6.17 2.42
N LEU C 7 19.55 -5.97 1.24
CA LEU C 7 18.35 -5.12 1.12
C LEU C 7 17.14 -5.75 1.83
N SER C 8 16.99 -7.09 1.77
CA SER C 8 15.87 -7.78 2.44
C SER C 8 15.99 -7.66 3.96
N ARG C 9 17.24 -7.70 4.47
CA ARG C 9 17.55 -7.51 5.90
C ARG C 9 17.18 -6.07 6.33
N ARG C 10 17.49 -5.07 5.46
CA ARG C 10 17.17 -3.66 5.71
C ARG C 10 15.65 -3.46 5.78
N LEU C 11 14.91 -4.18 4.91
CA LEU C 11 13.44 -4.13 4.88
C LEU C 11 12.83 -4.75 6.13
N ALA C 12 13.37 -5.88 6.61
CA ALA C 12 12.89 -6.58 7.81
C ALA C 12 13.10 -5.74 9.05
N ALA C 13 14.26 -5.04 9.14
CA ALA C 13 14.58 -4.15 10.26
C ALA C 13 13.64 -2.95 10.27
N LEU C 14 13.28 -2.45 9.06
CA LEU C 14 12.35 -1.36 8.86
C LEU C 14 10.96 -1.72 9.42
N ARG C 15 10.57 -3.01 9.25
CA ARG C 15 9.28 -3.55 9.69
C ARG C 15 9.24 -4.02 11.15
N ASN C 16 10.41 -4.05 11.84
CA ASN C 16 10.51 -4.46 13.26
C ASN C 16 9.90 -3.42 14.20
N SER D 1 -26.60 2.01 0.58
CA SER D 1 -25.44 2.33 1.42
C SER D 1 -24.12 2.02 0.70
N HIS D 2 -24.17 1.20 -0.35
CA HIS D 2 -22.94 0.83 -1.06
C HIS D 2 -22.70 1.60 -2.34
N MET D 3 -23.43 2.73 -2.53
CA MET D 3 -23.27 3.56 -3.73
C MET D 3 -21.89 4.22 -3.75
N GLU D 4 -21.35 4.44 -4.94
CA GLU D 4 -20.03 5.04 -5.20
C GLU D 4 -19.74 6.27 -4.33
N ASP D 5 -20.67 7.23 -4.26
CA ASP D 5 -20.47 8.46 -3.48
C ASP D 5 -20.34 8.21 -1.98
N GLN D 6 -21.14 7.27 -1.45
CA GLN D 6 -21.11 6.89 -0.02
C GLN D 6 -19.81 6.18 0.33
N LEU D 7 -19.29 5.32 -0.58
CA LEU D 7 -18.03 4.60 -0.37
C LEU D 7 -16.85 5.60 -0.35
N SER D 8 -16.92 6.63 -1.20
CA SER D 8 -15.88 7.68 -1.27
C SER D 8 -15.87 8.47 0.05
N ARG D 9 -17.07 8.75 0.60
CA ARG D 9 -17.24 9.46 1.88
C ARG D 9 -16.69 8.60 3.02
N ARG D 10 -16.95 7.27 2.97
CA ARG D 10 -16.44 6.34 3.97
C ARG D 10 -14.92 6.28 3.95
N LEU D 11 -14.30 6.30 2.75
CA LEU D 11 -12.83 6.30 2.64
C LEU D 11 -12.23 7.59 3.23
N ALA D 12 -12.86 8.76 2.97
CA ALA D 12 -12.40 10.04 3.51
C ALA D 12 -12.39 10.01 5.04
N ALA D 13 -13.45 9.48 5.68
CA ALA D 13 -13.55 9.41 7.14
C ALA D 13 -12.52 8.43 7.71
N LEU D 14 -12.19 7.37 6.95
CA LEU D 14 -11.20 6.37 7.30
C LEU D 14 -9.80 7.03 7.37
N ARG D 15 -9.54 7.99 6.48
CA ARG D 15 -8.28 8.73 6.38
C ARG D 15 -8.22 9.90 7.36
N ASN D 16 -9.38 10.31 7.92
CA ASN D 16 -9.49 11.42 8.87
C ASN D 16 -8.84 11.13 10.21
#